data_4ZYV
#
_entry.id   4ZYV
#
_cell.length_a   75.203
_cell.length_b   75.203
_cell.length_c   100.626
_cell.angle_alpha   90.000
_cell.angle_beta   90.000
_cell.angle_gamma   120.000
#
_symmetry.space_group_name_H-M   'P 32 2 1'
#
loop_
_entity.id
_entity.type
_entity.pdbx_description
1 polymer 'Trifunctional purine biosynthetic protein adenosine-3'
2 non-polymer 'GLYCINAMIDE RIBONUCLEOTIDE'
3 non-polymer 'N-({5-[4-(2-amino-4-oxo-4,7-dihydro-1H-pyrrolo[2,3-d]pyrimidin-6-yl)butyl]thiophen-2-yl}carbonyl)-L-glutamic acid'
4 water water
#
_entity_poly.entity_id   1
_entity_poly.type   'polypeptide(L)'
_entity_poly.pdbx_seq_one_letter_code
;MARVAVLISGTGSNLQALIDSTREPNSSAQIDIVISNKAAVAGLDKAERAGIPTRVINHKLYKNRVEFDSAIDLVLEEFS
IDIVCLAGFMRILSGPFVQKWNGKMLNIHPSLLPSFKGSNAHEQALETGVTVTGCTVHFVAEDVDAGQIILQEAVPVKRG
DTVATLSERVKLAEHKIFPAALQLVASGTVQLGENGKICWVKEEHHHHHH
;
_entity_poly.pdbx_strand_id   A
#
# COMPACT_ATOMS: atom_id res chain seq x y z
N ALA A 2 -16.77 -2.05 3.07
CA ALA A 2 -15.60 -1.83 3.91
C ALA A 2 -15.07 -0.43 3.72
N ARG A 3 -14.83 0.24 4.83
CA ARG A 3 -14.34 1.60 4.81
C ARG A 3 -12.81 1.62 4.84
N VAL A 4 -12.23 2.31 3.87
CA VAL A 4 -10.79 2.24 3.63
C VAL A 4 -10.09 3.60 3.85
N ALA A 5 -8.94 3.54 4.52
CA ALA A 5 -7.99 4.65 4.55
C ALA A 5 -6.83 4.35 3.60
N VAL A 6 -6.41 5.33 2.80
CA VAL A 6 -5.21 5.17 2.01
C VAL A 6 -4.11 6.09 2.54
N LEU A 7 -2.94 5.52 2.80
CA LEU A 7 -1.81 6.30 3.31
C LEU A 7 -0.78 6.49 2.20
N ILE A 8 -0.31 7.72 2.03
CA ILE A 8 0.62 8.06 0.94
C ILE A 8 1.82 8.87 1.42
N SER A 9 2.84 8.98 0.57
CA SER A 9 3.98 9.86 0.82
C SER A 9 4.35 10.74 -0.38
N GLY A 10 3.75 10.49 -1.53
CA GLY A 10 4.10 11.26 -2.72
C GLY A 10 3.07 11.37 -3.83
N THR A 11 3.46 10.93 -5.03
CA THR A 11 2.70 11.18 -6.26
C THR A 11 1.26 10.68 -6.22
N GLY A 12 1.07 9.46 -5.72
CA GLY A 12 -0.26 8.92 -5.53
C GLY A 12 -0.89 8.27 -6.75
N SER A 13 -0.08 7.73 -7.66
CA SER A 13 -0.66 7.01 -8.79
C SER A 13 -1.40 5.74 -8.32
N ASN A 14 -0.89 5.05 -7.29
CA ASN A 14 -1.64 3.90 -6.77
C ASN A 14 -2.95 4.32 -6.09
N LEU A 15 -2.91 5.43 -5.36
CA LEU A 15 -4.13 6.04 -4.81
C LEU A 15 -5.20 6.28 -5.90
N GLN A 16 -4.80 6.89 -7.01
CA GLN A 16 -5.74 7.16 -8.09
C GLN A 16 -6.35 5.86 -8.63
N ALA A 17 -5.52 4.83 -8.80
CA ALA A 17 -6.04 3.53 -9.28
C ALA A 17 -7.06 2.95 -8.29
N LEU A 18 -6.80 3.11 -6.99
CA LEU A 18 -7.73 2.65 -5.96
C LEU A 18 -9.02 3.48 -5.97
N ILE A 19 -8.89 4.80 -6.08
CA ILE A 19 -10.06 5.66 -6.20
C ILE A 19 -10.95 5.24 -7.38
N ASP A 20 -10.33 5.12 -8.56
CA ASP A 20 -11.04 4.64 -9.74
C ASP A 20 -11.75 3.30 -9.50
N SER A 21 -11.05 2.30 -8.95
CA SER A 21 -11.66 0.98 -8.80
C SER A 21 -12.81 0.99 -7.76
N THR A 22 -12.65 1.73 -6.67
CA THR A 22 -13.66 1.69 -5.61
C THR A 22 -14.93 2.43 -5.98
N ARG A 23 -14.95 3.06 -7.14
CA ARG A 23 -16.13 3.78 -7.57
C ARG A 23 -16.94 2.99 -8.58
N GLU A 24 -16.40 1.85 -9.01
CA GLU A 24 -17.17 0.90 -9.81
C GLU A 24 -18.36 0.42 -8.98
N PRO A 25 -19.53 0.24 -9.61
CA PRO A 25 -20.73 -0.19 -8.87
C PRO A 25 -20.50 -1.41 -7.99
N ASN A 26 -19.72 -2.39 -8.45
CA ASN A 26 -19.58 -3.63 -7.67
C ASN A 26 -18.47 -3.60 -6.64
N SER A 27 -17.83 -2.45 -6.46
CA SER A 27 -16.76 -2.34 -5.46
C SER A 27 -17.27 -2.58 -4.03
N SER A 28 -16.55 -3.40 -3.29
CA SER A 28 -16.88 -3.68 -1.89
C SER A 28 -16.14 -2.73 -0.95
N ALA A 29 -15.33 -1.85 -1.52
CA ALA A 29 -14.56 -0.89 -0.73
C ALA A 29 -14.97 0.54 -1.05
N GLN A 30 -14.88 1.42 -0.05
CA GLN A 30 -15.03 2.85 -0.25
C GLN A 30 -13.88 3.57 0.47
N ILE A 31 -13.27 4.55 -0.19
CA ILE A 31 -12.15 5.27 0.42
C ILE A 31 -12.69 6.50 1.13
N ASP A 32 -12.52 6.54 2.45
CA ASP A 32 -13.13 7.58 3.26
C ASP A 32 -12.11 8.63 3.75
N ILE A 33 -10.83 8.31 3.65
CA ILE A 33 -9.81 9.24 4.13
C ILE A 33 -8.48 8.92 3.47
N VAL A 34 -7.71 9.96 3.18
CA VAL A 34 -6.36 9.84 2.67
C VAL A 34 -5.42 10.53 3.64
N ILE A 35 -4.36 9.84 4.03
CA ILE A 35 -3.42 10.38 5.01
C ILE A 35 -2.02 10.42 4.41
N SER A 36 -1.35 11.56 4.54
CA SER A 36 0.03 11.70 4.07
C SER A 36 0.98 12.08 5.19
N ASN A 37 2.21 11.60 5.13
CA ASN A 37 3.23 12.04 6.08
C ASN A 37 4.07 13.21 5.52
N LYS A 38 3.86 13.50 4.24
CA LYS A 38 4.54 14.61 3.56
C LYS A 38 3.51 15.63 3.07
N ALA A 39 3.83 16.91 3.29
CA ALA A 39 2.94 17.99 2.88
C ALA A 39 3.11 18.28 1.38
N ALA A 40 2.07 18.88 0.79
CA ALA A 40 2.13 19.40 -0.58
C ALA A 40 2.55 18.38 -1.62
N VAL A 41 2.23 17.10 -1.41
CA VAL A 41 2.53 16.09 -2.42
C VAL A 41 1.31 15.91 -3.34
N ALA A 42 1.56 15.39 -4.53
CA ALA A 42 0.56 15.38 -5.59
C ALA A 42 -0.60 14.42 -5.28
N GLY A 43 -0.35 13.42 -4.44
CA GLY A 43 -1.38 12.50 -4.02
C GLY A 43 -2.49 13.18 -3.26
N LEU A 44 -2.17 14.27 -2.56
CA LEU A 44 -3.20 15.04 -1.84
C LEU A 44 -4.11 15.77 -2.82
N ASP A 45 -3.53 16.27 -3.91
CA ASP A 45 -4.30 16.94 -4.95
C ASP A 45 -5.30 15.96 -5.58
N LYS A 46 -4.84 14.73 -5.77
CA LYS A 46 -5.66 13.69 -6.38
C LYS A 46 -6.87 13.37 -5.49
N ALA A 47 -6.62 13.26 -4.18
CA ALA A 47 -7.68 12.94 -3.24
C ALA A 47 -8.69 14.07 -3.19
N GLU A 48 -8.18 15.28 -3.01
CA GLU A 48 -9.00 16.49 -2.97
C GLU A 48 -9.88 16.62 -4.20
N ARG A 49 -9.27 16.40 -5.37
CA ARG A 49 -10.00 16.46 -6.64
C ARG A 49 -11.10 15.40 -6.71
N ALA A 50 -10.89 14.28 -6.02
CA ALA A 50 -11.86 13.20 -6.00
C ALA A 50 -12.92 13.37 -4.90
N GLY A 51 -12.80 14.44 -4.11
CA GLY A 51 -13.78 14.71 -3.08
C GLY A 51 -13.56 13.90 -1.82
N ILE A 52 -12.35 13.40 -1.63
CA ILE A 52 -12.00 12.63 -0.44
C ILE A 52 -11.21 13.49 0.54
N PRO A 53 -11.60 13.46 1.83
CA PRO A 53 -10.85 14.24 2.82
C PRO A 53 -9.40 13.75 3.01
N THR A 54 -8.53 14.68 3.40
CA THR A 54 -7.11 14.42 3.57
C THR A 54 -6.61 14.92 4.93
N ARG A 55 -5.59 14.24 5.46
N ARG A 55 -5.61 14.23 5.47
CA ARG A 55 -4.92 14.67 6.68
CA ARG A 55 -4.92 14.67 6.68
C ARG A 55 -3.42 14.48 6.52
C ARG A 55 -3.43 14.51 6.47
N VAL A 56 -2.65 15.50 6.91
CA VAL A 56 -1.20 15.40 6.87
C VAL A 56 -0.66 15.24 8.28
N ILE A 57 0.24 14.28 8.46
CA ILE A 57 0.88 14.06 9.75
C ILE A 57 2.42 14.01 9.62
N ASN A 58 3.11 15.04 10.08
CA ASN A 58 4.57 15.07 9.94
C ASN A 58 5.29 14.51 11.16
N HIS A 59 6.43 13.87 10.92
CA HIS A 59 7.20 13.24 11.99
C HIS A 59 7.79 14.27 12.95
N LYS A 60 7.94 15.51 12.49
CA LYS A 60 8.62 16.53 13.27
C LYS A 60 7.79 16.99 14.48
N LEU A 61 6.52 16.61 14.52
CA LEU A 61 5.66 17.04 15.64
C LEU A 61 5.52 15.95 16.70
N TYR A 62 6.23 14.84 16.53
CA TYR A 62 6.11 13.70 17.44
C TYR A 62 7.47 13.20 17.92
N LYS A 63 7.52 12.76 19.18
CA LYS A 63 8.76 12.29 19.79
C LYS A 63 9.30 11.05 19.10
N ASN A 64 8.51 9.98 19.11
CA ASN A 64 8.94 8.70 18.58
C ASN A 64 7.97 8.12 17.55
N ARG A 65 8.29 6.94 17.05
CA ARG A 65 7.49 6.28 16.02
C ARG A 65 6.09 5.87 16.53
N VAL A 66 6.00 5.47 17.79
CA VAL A 66 4.73 5.04 18.38
C VAL A 66 3.71 6.17 18.48
N GLU A 67 4.16 7.36 18.87
CA GLU A 67 3.26 8.49 18.99
C GLU A 67 2.81 8.96 17.61
N PHE A 68 3.71 8.86 16.64
CA PHE A 68 3.36 9.16 15.26
C PHE A 68 2.23 8.25 14.77
N ASP A 69 2.39 6.95 14.96
CA ASP A 69 1.37 5.98 14.56
C ASP A 69 0.06 6.17 15.32
N SER A 70 0.14 6.58 16.58
CA SER A 70 -1.06 6.84 17.36
C SER A 70 -1.86 7.98 16.76
N ALA A 71 -1.16 8.96 16.20
CA ALA A 71 -1.82 10.09 15.56
C ALA A 71 -2.55 9.60 14.31
N ILE A 72 -1.92 8.67 13.61
CA ILE A 72 -2.57 8.03 12.47
C ILE A 72 -3.81 7.29 12.94
N ASP A 73 -3.62 6.44 13.95
CA ASP A 73 -4.69 5.61 14.49
C ASP A 73 -5.91 6.44 14.92
N LEU A 74 -5.65 7.62 15.49
CA LEU A 74 -6.74 8.49 15.92
C LEU A 74 -7.65 8.82 14.74
N VAL A 75 -7.05 9.18 13.62
CA VAL A 75 -7.79 9.52 12.42
C VAL A 75 -8.52 8.29 11.88
N LEU A 76 -7.85 7.15 11.90
CA LEU A 76 -8.46 5.91 11.47
C LEU A 76 -9.75 5.67 12.25
N GLU A 77 -9.68 5.81 13.58
CA GLU A 77 -10.84 5.63 14.44
C GLU A 77 -11.93 6.67 14.19
N GLU A 78 -11.51 7.92 13.99
CA GLU A 78 -12.44 9.00 13.66
C GLU A 78 -13.31 8.65 12.45
N PHE A 79 -12.69 8.09 11.40
CA PHE A 79 -13.43 7.78 10.19
C PHE A 79 -13.92 6.34 10.16
N SER A 80 -13.87 5.67 11.31
CA SER A 80 -14.38 4.31 11.47
C SER A 80 -13.86 3.36 10.37
N ILE A 81 -12.55 3.41 10.14
CA ILE A 81 -11.89 2.65 9.09
C ILE A 81 -11.83 1.15 9.37
N ASP A 82 -12.12 0.37 8.33
CA ASP A 82 -12.02 -1.10 8.37
C ASP A 82 -10.69 -1.62 7.81
N ILE A 83 -10.23 -0.97 6.74
CA ILE A 83 -9.06 -1.46 6.01
C ILE A 83 -8.11 -0.30 5.71
N VAL A 84 -6.82 -0.54 5.88
CA VAL A 84 -5.79 0.46 5.56
C VAL A 84 -4.93 0.00 4.37
N CYS A 85 -4.85 0.85 3.35
CA CYS A 85 -3.94 0.61 2.24
C CYS A 85 -2.71 1.54 2.30
N LEU A 86 -1.51 0.95 2.29
CA LEU A 86 -0.27 1.72 2.17
C LEU A 86 0.09 1.87 0.68
N ALA A 87 -0.04 3.08 0.14
CA ALA A 87 0.12 3.31 -1.29
C ALA A 87 1.23 4.34 -1.53
N GLY A 88 2.46 3.85 -1.59
CA GLY A 88 3.62 4.73 -1.65
C GLY A 88 3.89 5.37 -0.31
N PHE A 89 3.39 4.77 0.76
CA PHE A 89 3.67 5.24 2.11
C PHE A 89 5.05 4.75 2.52
N MET A 90 5.99 5.68 2.65
CA MET A 90 7.39 5.29 2.84
C MET A 90 7.83 5.47 4.28
N ARG A 91 7.09 4.86 5.20
CA ARG A 91 7.50 4.80 6.60
C ARG A 91 7.28 3.40 7.16
N ILE A 92 8.16 2.99 8.06
CA ILE A 92 7.99 1.77 8.82
C ILE A 92 7.00 2.01 9.95
N LEU A 93 6.02 1.13 10.10
CA LEU A 93 5.05 1.25 11.19
C LEU A 93 5.48 0.44 12.42
N SER A 94 5.18 0.95 13.60
CA SER A 94 5.55 0.27 14.84
C SER A 94 4.74 -1.00 15.10
N GLY A 95 5.30 -1.86 15.95
CA GLY A 95 4.68 -3.14 16.30
C GLY A 95 3.23 -3.13 16.74
N PRO A 96 2.90 -2.34 17.78
CA PRO A 96 1.52 -2.37 18.28
C PRO A 96 0.50 -1.88 17.26
N PHE A 97 0.87 -0.87 16.48
CA PHE A 97 0.00 -0.39 15.42
C PHE A 97 -0.23 -1.49 14.38
N VAL A 98 0.84 -2.16 13.98
CA VAL A 98 0.74 -3.26 13.04
C VAL A 98 -0.14 -4.37 13.64
N GLN A 99 0.08 -4.64 14.92
CA GLN A 99 -0.67 -5.68 15.59
C GLN A 99 -2.17 -5.35 15.63
N LYS A 100 -2.50 -4.10 15.96
CA LYS A 100 -3.89 -3.69 15.99
C LYS A 100 -4.59 -3.93 14.64
N TRP A 101 -3.91 -3.60 13.55
CA TRP A 101 -4.54 -3.68 12.24
C TRP A 101 -4.20 -4.98 11.52
N ASN A 102 -3.71 -5.96 12.29
CA ASN A 102 -3.36 -7.24 11.72
C ASN A 102 -4.52 -7.83 10.91
N GLY A 103 -4.24 -8.16 9.66
CA GLY A 103 -5.24 -8.71 8.78
C GLY A 103 -6.13 -7.65 8.15
N LYS A 104 -5.84 -6.38 8.44
CA LYS A 104 -6.67 -5.29 7.92
C LYS A 104 -5.86 -4.23 7.17
N MET A 105 -4.57 -4.45 7.03
CA MET A 105 -3.69 -3.47 6.40
C MET A 105 -2.87 -4.09 5.27
N LEU A 106 -2.95 -3.46 4.09
CA LEU A 106 -2.32 -3.93 2.87
C LEU A 106 -1.23 -2.95 2.42
N ASN A 107 -0.18 -3.49 1.81
CA ASN A 107 0.90 -2.69 1.27
C ASN A 107 1.19 -3.14 -0.16
N ILE A 108 1.51 -2.19 -1.05
CA ILE A 108 2.02 -2.53 -2.38
C ILE A 108 3.56 -2.36 -2.39
N HIS A 109 4.26 -3.34 -2.93
CA HIS A 109 5.71 -3.30 -2.98
C HIS A 109 6.17 -3.64 -4.40
N PRO A 110 7.10 -2.82 -4.95
CA PRO A 110 7.45 -3.00 -6.37
C PRO A 110 8.58 -4.02 -6.57
N SER A 111 8.43 -5.20 -6.00
CA SER A 111 9.22 -6.35 -6.41
C SER A 111 8.38 -7.61 -6.26
N LEU A 112 8.90 -8.73 -6.74
CA LEU A 112 8.30 -10.02 -6.41
C LEU A 112 8.91 -10.50 -5.09
N LEU A 113 8.26 -10.15 -3.99
CA LEU A 113 8.70 -10.61 -2.68
C LEU A 113 8.74 -12.13 -2.72
N PRO A 114 9.72 -12.75 -2.04
CA PRO A 114 10.59 -12.13 -1.03
C PRO A 114 11.89 -11.49 -1.58
N SER A 115 12.06 -11.39 -2.89
CA SER A 115 13.22 -10.67 -3.44
C SER A 115 13.11 -9.17 -3.20
N PHE A 116 14.26 -8.53 -2.96
CA PHE A 116 14.38 -7.07 -3.00
C PHE A 116 13.44 -6.34 -2.05
N LYS A 117 13.49 -6.73 -0.79
CA LYS A 117 12.75 -6.02 0.26
C LYS A 117 13.37 -4.63 0.46
N GLY A 118 12.59 -3.68 0.96
CA GLY A 118 13.14 -2.40 1.37
C GLY A 118 12.70 -1.23 0.49
N SER A 119 13.37 -0.09 0.66
CA SER A 119 12.93 1.16 0.04
C SER A 119 13.40 1.41 -1.40
N ASN A 120 14.36 0.62 -1.88
CA ASN A 120 14.91 0.79 -3.22
C ASN A 120 14.86 -0.49 -4.08
N ALA A 121 13.68 -1.09 -4.18
CA ALA A 121 13.57 -2.39 -4.84
C ALA A 121 14.09 -2.35 -6.28
N HIS A 122 13.74 -1.32 -7.04
CA HIS A 122 14.14 -1.23 -8.45
C HIS A 122 15.66 -1.17 -8.61
N GLU A 123 16.32 -0.40 -7.76
CA GLU A 123 17.78 -0.32 -7.75
C GLU A 123 18.39 -1.70 -7.51
N GLN A 124 17.84 -2.42 -6.55
CA GLN A 124 18.30 -3.77 -6.24
C GLN A 124 18.09 -4.72 -7.43
N ALA A 125 16.90 -4.67 -8.03
CA ALA A 125 16.60 -5.56 -9.14
C ALA A 125 17.56 -5.31 -10.32
N LEU A 126 17.82 -4.04 -10.63
CA LEU A 126 18.75 -3.70 -11.71
C LEU A 126 20.18 -4.09 -11.35
N GLU A 127 20.59 -3.85 -10.11
CA GLU A 127 21.94 -4.20 -9.67
C GLU A 127 22.17 -5.71 -9.76
N THR A 128 21.15 -6.48 -9.36
CA THR A 128 21.22 -7.94 -9.38
C THR A 128 21.19 -8.52 -10.80
N GLY A 129 20.47 -7.85 -11.70
CA GLY A 129 20.44 -8.26 -13.08
C GLY A 129 19.33 -9.24 -13.42
N VAL A 130 18.25 -9.23 -12.64
CA VAL A 130 17.10 -10.10 -12.97
C VAL A 130 16.52 -9.64 -14.30
N THR A 131 15.92 -10.56 -15.05
CA THR A 131 15.20 -10.20 -16.28
C THR A 131 13.69 -10.21 -16.03
N VAL A 132 13.28 -10.72 -14.89
CA VAL A 132 11.88 -10.65 -14.47
C VAL A 132 11.79 -10.02 -13.07
N THR A 133 11.03 -8.94 -12.94
CA THR A 133 10.72 -8.39 -11.62
C THR A 133 9.20 -8.35 -11.53
N GLY A 134 8.63 -7.44 -10.76
CA GLY A 134 7.19 -7.41 -10.60
C GLY A 134 6.77 -6.62 -9.38
N CYS A 135 5.56 -6.84 -8.89
CA CYS A 135 5.08 -6.13 -7.71
C CYS A 135 4.22 -7.07 -6.88
N THR A 136 4.05 -6.70 -5.61
CA THR A 136 3.42 -7.58 -4.63
C THR A 136 2.48 -6.78 -3.74
N VAL A 137 1.25 -7.28 -3.57
CA VAL A 137 0.40 -6.80 -2.50
C VAL A 137 0.40 -7.82 -1.37
N HIS A 138 0.67 -7.36 -0.15
CA HIS A 138 0.73 -8.25 1.00
C HIS A 138 0.09 -7.61 2.22
N PHE A 139 -0.37 -8.46 3.15
CA PHE A 139 -0.73 -7.97 4.47
C PHE A 139 0.53 -7.46 5.18
N VAL A 140 0.38 -6.37 5.92
CA VAL A 140 1.49 -5.81 6.69
C VAL A 140 1.66 -6.58 7.99
N ALA A 141 2.84 -7.16 8.17
CA ALA A 141 3.25 -7.76 9.43
C ALA A 141 4.34 -6.88 10.05
N GLU A 142 4.77 -7.20 11.25
CA GLU A 142 5.73 -6.35 11.93
C GLU A 142 7.05 -6.30 11.15
N ASP A 143 7.54 -7.46 10.74
N ASP A 143 7.51 -7.47 10.71
CA ASP A 143 8.73 -7.51 9.89
CA ASP A 143 8.70 -7.56 9.86
C ASP A 143 8.41 -6.98 8.49
C ASP A 143 8.41 -6.98 8.48
N VAL A 144 9.20 -5.99 8.06
CA VAL A 144 8.94 -5.26 6.82
C VAL A 144 8.95 -6.15 5.57
N ASP A 145 7.92 -6.00 4.74
CA ASP A 145 7.77 -6.78 3.50
C ASP A 145 7.83 -8.29 3.71
N ALA A 146 7.37 -8.76 4.86
CA ALA A 146 7.40 -10.19 5.19
C ALA A 146 6.00 -10.76 5.41
N GLY A 147 4.99 -9.89 5.39
CA GLY A 147 3.63 -10.32 5.64
C GLY A 147 3.07 -11.21 4.55
N GLN A 148 1.89 -11.78 4.78
CA GLN A 148 1.32 -12.74 3.85
C GLN A 148 0.91 -12.13 2.51
N ILE A 149 1.33 -12.79 1.45
CA ILE A 149 1.18 -12.30 0.09
C ILE A 149 -0.24 -12.53 -0.43
N ILE A 150 -0.83 -11.51 -1.01
CA ILE A 150 -2.19 -11.60 -1.51
C ILE A 150 -2.18 -11.80 -3.02
N LEU A 151 -1.59 -10.85 -3.75
CA LEU A 151 -1.44 -10.97 -5.19
C LEU A 151 -0.03 -10.54 -5.63
N GLN A 152 0.43 -11.09 -6.74
CA GLN A 152 1.67 -10.61 -7.37
C GLN A 152 1.48 -10.54 -8.87
N GLU A 153 2.27 -9.71 -9.54
CA GLU A 153 2.27 -9.73 -10.99
C GLU A 153 3.70 -9.54 -11.49
N ALA A 154 4.14 -10.41 -12.39
CA ALA A 154 5.48 -10.31 -12.92
C ALA A 154 5.56 -9.27 -14.04
N VAL A 155 6.72 -8.62 -14.14
CA VAL A 155 6.97 -7.57 -15.11
C VAL A 155 8.38 -7.75 -15.67
N PRO A 156 8.54 -7.75 -16.99
CA PRO A 156 9.89 -7.99 -17.52
C PRO A 156 10.84 -6.81 -17.30
N VAL A 157 12.12 -7.10 -17.14
CA VAL A 157 13.13 -6.04 -17.17
C VAL A 157 13.70 -5.98 -18.59
N LYS A 158 13.70 -4.79 -19.20
CA LYS A 158 14.31 -4.63 -20.54
C LYS A 158 15.78 -4.25 -20.40
N ARG A 159 16.61 -4.71 -21.32
CA ARG A 159 18.00 -4.29 -21.31
CA ARG A 159 18.01 -4.28 -21.37
C ARG A 159 18.08 -2.77 -21.48
N GLY A 160 18.91 -2.15 -20.66
CA GLY A 160 19.04 -0.71 -20.69
C GLY A 160 18.02 -0.02 -19.78
N ASP A 161 17.19 -0.81 -19.08
CA ASP A 161 16.24 -0.24 -18.13
C ASP A 161 16.94 0.60 -17.06
N THR A 162 16.28 1.67 -16.66
CA THR A 162 16.72 2.44 -15.50
C THR A 162 15.62 2.37 -14.47
N VAL A 163 15.85 2.93 -13.28
CA VAL A 163 14.79 3.04 -12.30
C VAL A 163 13.57 3.76 -12.92
N ALA A 164 13.81 4.77 -13.74
CA ALA A 164 12.71 5.55 -14.36
C ALA A 164 11.83 4.67 -15.24
N THR A 165 12.45 3.95 -16.18
CA THR A 165 11.69 3.14 -17.14
C THR A 165 11.14 1.87 -16.49
N LEU A 166 11.90 1.24 -15.62
CA LEU A 166 11.40 0.04 -14.95
C LEU A 166 10.23 0.33 -13.99
N SER A 167 10.32 1.40 -13.22
CA SER A 167 9.26 1.71 -12.27
C SER A 167 7.96 2.10 -13.00
N GLU A 168 8.10 2.72 -14.17
CA GLU A 168 6.96 3.07 -15.00
C GLU A 168 6.23 1.79 -15.44
N ARG A 169 6.99 0.81 -15.90
CA ARG A 169 6.40 -0.46 -16.34
C ARG A 169 5.76 -1.20 -15.16
N VAL A 170 6.45 -1.24 -14.03
CA VAL A 170 5.94 -1.98 -12.88
C VAL A 170 4.69 -1.28 -12.29
N LYS A 171 4.66 0.04 -12.33
CA LYS A 171 3.48 0.77 -11.85
C LYS A 171 2.20 0.38 -12.59
N LEU A 172 2.30 0.07 -13.89
CA LEU A 172 1.11 -0.35 -14.63
C LEU A 172 0.55 -1.66 -14.02
N ALA A 173 1.44 -2.52 -13.54
CA ALA A 173 1.01 -3.74 -12.88
C ALA A 173 0.47 -3.47 -11.47
N GLU A 174 1.13 -2.57 -10.76
CA GLU A 174 0.67 -2.16 -9.43
C GLU A 174 -0.78 -1.69 -9.46
N HIS A 175 -1.11 -0.90 -10.48
CA HIS A 175 -2.43 -0.30 -10.60
C HIS A 175 -3.48 -1.33 -10.94
N LYS A 176 -3.05 -2.53 -11.30
CA LYS A 176 -3.95 -3.65 -11.52
C LYS A 176 -4.14 -4.48 -10.24
N ILE A 177 -3.05 -4.93 -9.64
CA ILE A 177 -3.22 -5.87 -8.53
C ILE A 177 -3.60 -5.20 -7.20
N PHE A 178 -3.25 -3.94 -6.97
CA PHE A 178 -3.66 -3.32 -5.71
C PHE A 178 -5.18 -3.15 -5.67
N PRO A 179 -5.82 -2.61 -6.72
CA PRO A 179 -7.29 -2.64 -6.67
C PRO A 179 -7.89 -4.06 -6.58
N ALA A 180 -7.30 -5.02 -7.27
CA ALA A 180 -7.84 -6.37 -7.23
C ALA A 180 -7.71 -6.95 -5.81
N ALA A 181 -6.58 -6.69 -5.16
CA ALA A 181 -6.33 -7.20 -3.81
C ALA A 181 -7.21 -6.50 -2.77
N LEU A 182 -7.42 -5.20 -2.91
CA LEU A 182 -8.31 -4.50 -2.00
C LEU A 182 -9.72 -5.08 -2.11
N GLN A 183 -10.16 -5.34 -3.34
CA GLN A 183 -11.51 -5.90 -3.54
C GLN A 183 -11.62 -7.31 -2.92
N LEU A 184 -10.58 -8.14 -3.05
CA LEU A 184 -10.61 -9.47 -2.43
C LEU A 184 -10.77 -9.39 -0.91
N VAL A 185 -10.05 -8.46 -0.28
CA VAL A 185 -10.06 -8.34 1.17
C VAL A 185 -11.36 -7.68 1.61
N ALA A 186 -11.76 -6.62 0.92
CA ALA A 186 -12.98 -5.91 1.32
C ALA A 186 -14.24 -6.75 1.12
N SER A 187 -14.23 -7.69 0.18
CA SER A 187 -15.42 -8.51 -0.04
C SER A 187 -15.41 -9.73 0.89
N GLY A 188 -14.35 -9.87 1.67
CA GLY A 188 -14.23 -11.01 2.57
C GLY A 188 -13.84 -12.29 1.86
N THR A 189 -13.42 -12.18 0.60
CA THR A 189 -13.02 -13.34 -0.19
C THR A 189 -11.70 -13.90 0.31
N VAL A 190 -10.82 -13.00 0.72
CA VAL A 190 -9.51 -13.35 1.24
C VAL A 190 -9.36 -12.79 2.64
N GLN A 191 -8.77 -13.56 3.56
CA GLN A 191 -8.49 -13.05 4.89
C GLN A 191 -7.18 -13.66 5.40
N LEU A 192 -6.62 -13.05 6.43
CA LEU A 192 -5.36 -13.50 7.01
C LEU A 192 -5.44 -14.89 7.67
N GLY A 193 -6.58 -15.25 8.22
CA GLY A 193 -6.75 -16.59 8.76
C GLY A 193 -6.01 -16.91 10.05
N GLU A 194 -6.55 -17.86 10.82
CA GLU A 194 -6.08 -18.18 12.18
C GLU A 194 -4.59 -18.56 12.26
N ASN A 195 -4.14 -19.42 11.35
CA ASN A 195 -2.76 -19.88 11.33
C ASN A 195 -1.79 -18.88 10.71
N GLY A 196 -2.32 -17.73 10.32
CA GLY A 196 -1.50 -16.66 9.79
C GLY A 196 -1.36 -16.63 8.27
N LYS A 197 -1.41 -17.80 7.63
CA LYS A 197 -1.30 -17.87 6.17
C LYS A 197 -2.60 -17.47 5.47
N ILE A 198 -2.50 -17.02 4.22
CA ILE A 198 -3.66 -16.51 3.49
C ILE A 198 -4.76 -17.55 3.41
N CYS A 199 -6.00 -17.10 3.62
CA CYS A 199 -7.17 -17.98 3.55
C CYS A 199 -8.14 -17.44 2.51
N TRP A 200 -8.40 -18.23 1.46
CA TRP A 200 -9.43 -17.88 0.50
C TRP A 200 -10.76 -18.48 0.97
N VAL A 201 -11.56 -17.63 1.62
CA VAL A 201 -12.85 -18.02 2.22
C VAL A 201 -13.89 -18.45 1.17
N LYS A 202 -13.71 -18.04 -0.08
CA LYS A 202 -14.60 -18.47 -1.15
C LYS A 202 -13.84 -19.17 -2.27
#